data_6J5G
#
_entry.id   6J5G
#
_cell.length_a   135.731
_cell.length_b   100.693
_cell.length_c   140.236
_cell.angle_alpha   90.00
_cell.angle_beta   100.25
_cell.angle_gamma   90.00
#
_symmetry.space_group_name_H-M   'C 1 2 1'
#
loop_
_entity.id
_entity.type
_entity.pdbx_description
1 polymer 'Envelope protein E'
2 polymer 'antibody heavy chain'
3 polymer 'antibody light chain'
#
loop_
_entity_poly.entity_id
_entity_poly.type
_entity_poly.pdbx_seq_one_letter_code
_entity_poly.pdbx_strand_id
1 'polypeptide(L)'
;SRCTHLENRDFVTGTQGTTRVTLVLELGGCVTITAEGKPSMDVWLDAIYQENPAKTREYCLHAKLSDTKVAARCPTMGPA
TLAEEHQGGTVCKRDQSDRGWGNHCGLFGKGSIVACVKAACEAKKKATGHVYDANKIVYTVKVEPHTGDYVAANETHSGR
KTASFTISSEKTILTMGEYGDVSLLCRVASGVDLAQTVILELDKTVEHLPTAWQVHRDWFNDLALPWKHEGAQNWNNAER
LVEFGAPHAVKMDVYNLGDQTGVLLKALAGVPVAHIEGTKYHLKSGHVTCEVGLEKLKMKGLTYTMCDKTKFTWKRAPTD
SGHDTVVMEVTFSGTKPCRIPVRAVAHGSPDVNVAMLITPNPTIENNGGGFIEMQLPPGDNIIYVGELSHQWFQKGSSIG
RHHHHHH
;
A
2 'polypeptide(L)'
;QVQLQQSGPELVKPGASVKMSCKASGYTFTDYVIGWVKQRTGQGLEWIGEIYPGSGTTYYNEKFKDKATLTADKSSNTAY
MQLSSLTSEDSAVYFCARGEDGYYIALDYWGQGTTVTVSS
;
H
3 'polypeptide(L)'
;DIELTQSPASLSASVGETVTITCRASGNIHNYLAWYQQKQGKSPQLLVYKAQTLADGVPSRFSGSGSGTQYSLKINSLQP
EDFGSYYCQHFWSTPPWTFGGGTKLEIKR
;
L
#
# COMPACT_ATOMS: atom_id res chain seq x y z
N SER A 1 3.39 -6.05 -4.39
CA SER A 1 4.84 -5.87 -4.50
C SER A 1 5.25 -4.45 -4.22
N ARG A 2 6.25 -4.30 -3.34
CA ARG A 2 6.75 -2.99 -2.94
C ARG A 2 7.43 -2.34 -4.12
N CYS A 3 8.07 -3.15 -4.95
CA CYS A 3 8.75 -2.64 -6.13
C CYS A 3 7.79 -2.18 -7.25
N THR A 4 6.47 -2.26 -7.05
CA THR A 4 5.54 -1.68 -8.01
C THR A 4 5.08 -0.31 -7.51
N HIS A 5 5.62 0.12 -6.37
CA HIS A 5 5.28 1.41 -5.79
C HIS A 5 6.30 2.48 -6.14
N LEU A 6 7.38 2.09 -6.82
CA LEU A 6 8.41 3.04 -7.21
C LEU A 6 9.16 2.56 -8.45
N GLU A 7 9.84 3.49 -9.13
CA GLU A 7 10.61 3.16 -10.31
C GLU A 7 12.03 2.71 -9.95
N ASN A 8 12.50 3.11 -8.77
CA ASN A 8 13.82 2.70 -8.30
C ASN A 8 13.80 1.24 -7.89
N ARG A 9 13.92 0.35 -8.87
CA ARG A 9 13.81 -1.06 -8.58
C ARG A 9 14.69 -1.95 -9.45
N ASP A 10 15.24 -2.98 -8.81
CA ASP A 10 16.07 -3.98 -9.47
C ASP A 10 15.41 -5.35 -9.40
N PHE A 11 15.83 -6.24 -10.29
CA PHE A 11 15.24 -7.58 -10.37
C PHE A 11 16.32 -8.67 -10.38
N VAL A 12 16.23 -9.59 -9.42
CA VAL A 12 17.19 -10.68 -9.24
C VAL A 12 16.50 -12.05 -9.31
N THR A 13 17.06 -12.98 -10.09
CA THR A 13 16.49 -14.33 -10.18
C THR A 13 17.52 -15.44 -9.97
N GLY A 14 17.18 -16.40 -9.10
CA GLY A 14 18.03 -17.54 -8.83
C GLY A 14 17.62 -18.77 -9.64
N THR A 15 18.57 -19.30 -10.40
CA THR A 15 18.36 -20.49 -11.22
C THR A 15 18.58 -21.79 -10.45
N GLN A 16 18.65 -22.90 -11.17
CA GLN A 16 18.83 -24.21 -10.55
C GLN A 16 20.22 -24.32 -9.93
N GLY A 17 20.26 -24.34 -8.60
CA GLY A 17 21.52 -24.42 -7.87
C GLY A 17 21.86 -23.09 -7.18
N THR A 18 21.10 -22.04 -7.45
CA THR A 18 21.32 -20.76 -6.79
C THR A 18 20.48 -20.65 -5.52
N THR A 19 21.14 -20.87 -4.38
CA THR A 19 20.49 -20.79 -3.07
C THR A 19 20.96 -19.57 -2.30
N ARG A 20 21.60 -18.63 -2.99
CA ARG A 20 22.07 -17.41 -2.37
C ARG A 20 22.28 -16.31 -3.40
N VAL A 21 22.06 -15.05 -3.00
CA VAL A 21 22.32 -13.93 -3.90
C VAL A 21 23.09 -12.81 -3.19
N THR A 22 23.85 -12.03 -3.97
CA THR A 22 24.61 -10.91 -3.42
C THR A 22 23.91 -9.61 -3.76
N VAL A 24 23.76 -5.16 -3.29
CA VAL A 24 24.35 -3.90 -2.85
C VAL A 24 23.20 -2.93 -2.72
N LEU A 25 22.55 -2.95 -1.56
CA LEU A 25 21.33 -2.18 -1.38
C LEU A 25 21.65 -0.73 -1.19
N GLU A 26 20.86 0.12 -1.82
CA GLU A 26 21.02 1.54 -1.60
C GLU A 26 19.82 2.04 -0.82
N LEU A 27 20.09 3.01 0.05
CA LEU A 27 19.10 3.54 0.95
C LEU A 27 17.91 4.10 0.20
N GLY A 28 16.75 3.45 0.36
CA GLY A 28 15.52 3.91 -0.28
C GLY A 28 15.15 3.17 -1.58
N GLY A 29 15.92 2.16 -1.98
CA GLY A 29 15.63 1.41 -3.20
C GLY A 29 14.64 0.25 -2.99
N CYS A 30 14.68 -0.73 -3.90
CA CYS A 30 13.81 -1.90 -3.82
C CYS A 30 14.28 -2.99 -4.77
N VAL A 31 14.56 -4.18 -4.25
CA VAL A 31 14.98 -5.28 -5.11
C VAL A 31 13.98 -6.43 -5.05
N THR A 32 13.44 -6.80 -6.21
CA THR A 32 12.54 -7.95 -6.27
C THR A 32 13.36 -9.18 -6.52
N ILE A 33 13.28 -10.15 -5.61
CA ILE A 33 14.06 -11.36 -5.73
C ILE A 33 13.16 -12.58 -5.86
N THR A 34 13.39 -13.32 -6.93
CA THR A 34 12.65 -14.54 -7.21
C THR A 34 13.63 -15.69 -7.40
N ALA A 35 13.16 -16.92 -7.31
CA ALA A 35 14.02 -18.06 -7.49
C ALA A 35 13.20 -19.28 -7.79
N GLU A 36 13.81 -20.23 -8.48
CA GLU A 36 13.12 -21.47 -8.85
C GLU A 36 12.52 -22.20 -7.65
N GLY A 37 11.19 -22.34 -7.68
CA GLY A 37 10.44 -23.04 -6.62
C GLY A 37 10.17 -22.17 -5.39
N LYS A 38 10.51 -20.89 -5.47
CA LYS A 38 10.38 -19.98 -4.34
C LYS A 38 9.35 -18.88 -4.62
N PRO A 39 8.82 -18.24 -3.56
CA PRO A 39 7.95 -17.08 -3.58
C PRO A 39 8.73 -15.81 -3.88
N SER A 40 8.04 -14.76 -4.32
CA SER A 40 8.66 -13.48 -4.65
C SER A 40 8.76 -12.56 -3.44
N MET A 41 9.96 -12.02 -3.19
CA MET A 41 10.18 -11.13 -2.05
C MET A 41 10.79 -9.79 -2.47
N ASP A 42 10.38 -8.72 -1.80
CA ASP A 42 10.98 -7.42 -2.04
C ASP A 42 11.90 -7.07 -0.87
N VAL A 43 13.13 -6.66 -1.20
CA VAL A 43 14.15 -6.37 -0.19
C VAL A 43 14.74 -4.97 -0.36
N TRP A 44 14.86 -4.23 0.73
CA TRP A 44 15.45 -2.89 0.61
C TRP A 44 16.11 -2.36 1.86
N LEU A 45 17.06 -1.45 1.67
CA LEU A 45 17.70 -0.76 2.79
C LEU A 45 16.78 0.37 3.24
N ASP A 46 16.27 0.24 4.46
CA ASP A 46 15.27 1.15 4.98
C ASP A 46 15.88 2.35 5.71
N ALA A 47 16.85 2.12 6.60
CA ALA A 47 17.40 3.26 7.36
C ALA A 47 18.85 3.09 7.79
N ILE A 48 19.57 4.20 7.87
CA ILE A 48 20.92 4.24 8.42
C ILE A 48 21.00 5.31 9.50
N TYR A 49 21.22 4.90 10.76
CA TYR A 49 21.20 5.91 11.82
C TYR A 49 21.97 5.55 13.09
N GLN A 50 22.13 6.55 13.95
CA GLN A 50 22.69 6.33 15.27
C GLN A 50 21.90 7.03 16.34
N GLU A 51 21.60 6.32 17.42
CA GLU A 51 20.92 6.94 18.54
C GLU A 51 21.95 7.61 19.45
N ASN A 52 21.72 8.90 19.72
CA ASN A 52 22.60 9.73 20.56
C ASN A 52 24.09 9.69 20.15
N PRO A 53 24.44 10.24 18.98
CA PRO A 53 25.77 10.34 18.39
C PRO A 53 26.66 11.35 19.11
N ALA A 54 27.96 11.19 18.91
CA ALA A 54 28.98 12.00 19.59
C ALA A 54 28.93 13.46 19.16
N LYS A 55 29.24 14.36 20.09
CA LYS A 55 29.26 15.78 19.83
C LYS A 55 30.68 16.32 19.76
N THR A 56 30.91 17.31 18.89
CA THR A 56 32.24 17.91 18.73
C THR A 56 32.25 19.30 19.37
N ARG A 57 31.83 20.31 18.61
CA ARG A 57 31.75 21.67 19.14
C ARG A 57 30.34 22.19 19.22
N GLU A 58 30.13 23.08 20.17
CA GLU A 58 28.93 23.89 20.25
C GLU A 58 29.33 25.28 19.80
N TYR A 59 28.54 25.91 18.95
CA TYR A 59 28.82 27.27 18.56
C TYR A 59 27.70 28.23 19.02
N CYS A 60 28.06 29.46 19.38
CA CYS A 60 27.05 30.44 19.81
C CYS A 60 26.71 31.44 18.71
N LEU A 61 25.40 31.60 18.46
CA LEU A 61 24.91 32.49 17.41
C LEU A 61 24.56 33.89 17.94
N HIS A 62 24.38 34.04 19.24
CA HIS A 62 24.03 35.35 19.76
C HIS A 62 24.59 35.57 21.16
N ALA A 63 25.60 36.43 21.24
CA ALA A 63 26.29 36.72 22.49
C ALA A 63 25.38 37.45 23.48
N LYS A 64 25.45 37.00 24.73
CA LYS A 64 24.72 37.64 25.84
C LYS A 64 25.71 38.42 26.70
N LEU A 65 25.88 39.69 26.38
CA LEU A 65 26.88 40.52 27.04
C LEU A 65 26.31 41.26 28.25
N SER A 66 27.08 41.29 29.34
CA SER A 66 26.68 42.04 30.53
C SER A 66 27.87 42.45 31.39
N ASP A 67 27.59 43.28 32.39
CA ASP A 67 28.58 43.77 33.35
C ASP A 67 29.78 44.41 32.66
N THR A 68 29.51 45.46 31.90
CA THR A 68 30.57 46.16 31.19
C THR A 68 31.32 47.08 32.14
N LYS A 69 32.65 46.93 32.19
CA LYS A 69 33.48 47.74 33.06
C LYS A 69 34.62 48.41 32.30
N VAL A 70 34.96 49.64 32.69
CA VAL A 70 36.08 50.36 32.07
C VAL A 70 37.03 50.96 33.12
N ALA A 71 38.33 50.74 32.93
CA ALA A 71 39.34 51.34 33.81
C ALA A 71 40.33 52.15 32.98
N ALA A 72 40.80 53.26 33.53
CA ALA A 72 41.74 54.10 32.80
C ALA A 72 42.76 54.78 33.73
N ARG A 73 43.95 55.08 33.18
CA ARG A 73 45.00 55.76 33.92
C ARG A 73 45.57 56.93 33.12
N CYS A 74 46.12 57.89 33.85
CA CYS A 74 46.81 59.05 33.26
C CYS A 74 48.18 58.61 32.77
N PRO A 75 48.81 59.35 31.85
CA PRO A 75 49.99 59.00 31.07
C PRO A 75 51.13 58.36 31.86
N THR A 76 51.38 58.81 33.08
CA THR A 76 52.43 58.16 33.88
C THR A 76 51.90 57.68 35.23
N MET A 77 50.67 57.17 35.22
CA MET A 77 50.06 56.59 36.41
C MET A 77 49.94 55.07 36.30
N GLY A 78 50.82 54.46 35.49
CA GLY A 78 50.82 53.02 35.32
C GLY A 78 49.77 52.58 34.31
N PRO A 79 49.59 51.26 34.17
CA PRO A 79 48.61 50.59 33.34
C PRO A 79 47.28 50.46 34.07
N ALA A 80 46.19 50.52 33.30
CA ALA A 80 44.85 50.37 33.84
C ALA A 80 44.56 48.89 34.06
N THR A 81 43.69 48.57 35.00
CA THR A 81 43.42 47.16 35.23
C THR A 81 42.01 46.87 35.74
N LEU A 82 41.48 45.72 35.32
CA LEU A 82 40.19 45.20 35.74
C LEU A 82 40.31 43.75 36.18
N ALA A 83 39.52 43.39 37.19
CA ALA A 83 39.51 42.02 37.73
C ALA A 83 39.23 40.99 36.63
N GLU A 84 38.24 41.32 35.79
CA GLU A 84 37.81 40.52 34.65
C GLU A 84 38.91 40.12 33.65
N GLU A 85 40.05 40.82 33.67
CA GLU A 85 41.14 40.46 32.76
C GLU A 85 41.76 39.10 33.07
N HIS A 86 41.54 38.61 34.29
CA HIS A 86 42.06 37.32 34.69
C HIS A 86 40.92 36.38 35.10
N GLN A 87 39.71 36.68 34.65
CA GLN A 87 38.55 35.85 34.95
C GLN A 87 38.08 35.13 33.69
N GLY A 88 37.43 34.00 33.88
CA GLY A 88 36.86 33.28 32.75
C GLY A 88 35.50 33.84 32.40
N GLY A 89 35.08 33.62 31.16
CA GLY A 89 33.78 34.07 30.69
C GLY A 89 33.75 35.56 30.38
N THR A 90 34.92 36.15 30.12
CA THR A 90 35.00 37.57 29.85
C THR A 90 35.79 37.85 28.58
N VAL A 91 35.49 38.99 27.98
CA VAL A 91 36.24 39.49 26.84
C VAL A 91 36.76 40.87 27.18
N CYS A 92 38.07 41.06 27.02
CA CYS A 92 38.65 42.34 27.37
C CYS A 92 39.54 42.88 26.27
N LYS A 93 39.60 44.20 26.19
CA LYS A 93 40.50 44.86 25.26
C LYS A 93 41.29 45.94 25.95
N ARG A 94 42.61 45.94 25.71
CA ARG A 94 43.46 46.98 26.24
C ARG A 94 43.87 47.91 25.11
N ASP A 95 43.79 49.22 25.37
CA ASP A 95 44.07 50.22 24.35
C ASP A 95 44.70 51.46 25.02
N GLN A 96 44.84 52.54 24.25
CA GLN A 96 45.31 53.82 24.77
C GLN A 96 44.43 54.97 24.33
N SER A 97 44.12 55.87 25.25
CA SER A 97 43.30 57.03 24.93
C SER A 97 44.12 58.32 25.08
N ASP A 98 43.57 59.43 24.61
CA ASP A 98 44.27 60.70 24.72
C ASP A 98 43.93 61.39 26.04
N ARG A 99 44.93 61.54 26.91
CA ARG A 99 44.73 62.16 28.20
C ARG A 99 45.44 63.50 28.29
N GLY A 100 44.88 64.37 29.12
CA GLY A 100 45.45 65.71 29.31
C GLY A 100 44.72 66.47 30.41
N TRP A 101 45.04 67.75 30.55
CA TRP A 101 44.42 68.61 31.56
C TRP A 101 42.90 68.63 31.44
N GLY A 102 42.41 68.61 30.19
CA GLY A 102 40.98 68.67 29.91
C GLY A 102 40.17 67.47 30.41
N ASN A 103 40.82 66.34 30.69
CA ASN A 103 40.10 65.17 31.15
C ASN A 103 40.74 64.59 32.39
N HIS A 104 41.21 65.50 33.25
CA HIS A 104 41.73 65.19 34.59
C HIS A 104 42.99 64.35 34.63
N CYS A 105 43.98 64.69 33.81
CA CYS A 105 45.32 64.16 33.99
C CYS A 105 46.32 65.28 34.08
N GLY A 106 47.39 65.05 34.82
CA GLY A 106 48.39 66.08 35.02
C GLY A 106 49.28 66.26 33.79
N LEU A 107 49.41 65.20 33.02
CA LEU A 107 50.24 65.24 31.83
C LEU A 107 49.44 65.07 30.56
N PHE A 108 50.04 65.50 29.46
CA PHE A 108 49.45 65.31 28.15
C PHE A 108 50.12 64.12 27.46
N GLY A 109 49.32 63.13 27.09
CA GLY A 109 49.87 61.97 26.43
C GLY A 109 48.89 60.81 26.41
N LYS A 110 49.37 59.64 26.02
CA LYS A 110 48.52 58.48 25.96
C LYS A 110 48.28 57.91 27.35
N GLY A 111 47.05 57.55 27.64
CA GLY A 111 46.72 56.95 28.92
C GLY A 111 46.15 55.57 28.73
N SER A 112 46.60 54.63 29.55
CA SER A 112 46.16 53.25 29.43
C SER A 112 44.69 53.11 29.76
N ILE A 113 43.98 52.33 28.93
CA ILE A 113 42.56 52.07 29.15
C ILE A 113 42.21 50.63 28.83
N VAL A 114 41.30 50.06 29.62
CA VAL A 114 40.86 48.69 29.37
C VAL A 114 39.35 48.53 29.59
N ALA A 115 38.71 47.78 28.69
CA ALA A 115 37.28 47.52 28.79
C ALA A 115 37.01 46.02 28.82
N CYS A 116 36.18 45.60 29.77
CA CYS A 116 35.82 44.19 29.91
C CYS A 116 34.33 43.97 29.98
N VAL A 117 33.92 42.84 29.42
CA VAL A 117 32.52 42.46 29.44
C VAL A 117 32.37 40.97 29.68
N LYS A 118 31.32 40.58 30.39
CA LYS A 118 31.07 39.16 30.59
C LYS A 118 30.28 38.64 29.40
N ALA A 119 30.78 37.57 28.80
CA ALA A 119 30.21 37.02 27.57
C ALA A 119 29.58 35.65 27.79
N ALA A 120 28.25 35.64 27.83
CA ALA A 120 27.46 34.43 27.92
C ALA A 120 26.82 34.15 26.55
N CYS A 121 25.92 33.17 26.47
CA CYS A 121 25.26 32.89 25.20
C CYS A 121 23.76 32.78 25.38
N GLU A 122 23.02 33.39 24.47
CA GLU A 122 21.57 33.41 24.54
C GLU A 122 20.93 32.03 24.41
N ALA A 123 19.83 31.87 25.15
CA ALA A 123 19.09 30.62 25.16
C ALA A 123 18.60 30.27 23.77
N LYS A 124 18.78 29.00 23.42
CA LYS A 124 18.36 28.47 22.14
C LYS A 124 19.08 29.13 20.96
N LYS A 125 20.29 29.65 21.19
CA LYS A 125 21.09 30.21 20.11
C LYS A 125 22.37 29.41 19.99
N LYS A 126 22.24 28.09 20.10
CA LYS A 126 23.41 27.23 20.03
C LYS A 126 23.34 26.28 18.85
N ALA A 127 24.49 26.01 18.27
CA ALA A 127 24.62 25.10 17.13
C ALA A 127 25.53 23.93 17.46
N THR A 128 25.01 22.72 17.46
CA THR A 128 25.81 21.55 17.86
C THR A 128 26.21 20.70 16.66
N GLY A 129 27.48 20.32 16.61
CA GLY A 129 27.92 19.41 15.55
C GLY A 129 28.08 17.98 16.06
N HIS A 130 27.49 17.01 15.34
CA HIS A 130 27.59 15.61 15.73
C HIS A 130 28.39 14.78 14.74
N VAL A 131 29.01 13.71 15.23
CA VAL A 131 29.70 12.76 14.37
C VAL A 131 29.29 11.35 14.74
N TYR A 132 29.44 10.44 13.80
CA TYR A 132 28.98 9.07 14.01
C TYR A 132 30.06 8.14 14.54
N ASP A 133 29.65 7.28 15.46
CA ASP A 133 30.50 6.23 16.00
C ASP A 133 30.29 4.97 15.19
N ALA A 134 31.33 4.50 14.50
CA ALA A 134 31.26 3.35 13.59
C ALA A 134 30.70 2.08 14.23
N ASN A 135 30.83 1.94 15.56
CA ASN A 135 30.34 0.74 16.25
C ASN A 135 28.89 0.89 16.73
N LYS A 136 28.24 2.01 16.41
CA LYS A 136 26.88 2.26 16.87
C LYS A 136 25.92 2.63 15.73
N ILE A 137 26.34 2.40 14.48
CA ILE A 137 25.49 2.72 13.33
C ILE A 137 24.61 1.56 12.94
N VAL A 138 23.30 1.82 12.89
CA VAL A 138 22.30 0.82 12.59
C VAL A 138 21.94 0.79 11.12
N TYR A 139 22.06 -0.36 10.49
CA TYR A 139 21.61 -0.56 9.12
C TYR A 139 20.40 -1.49 9.19
N THR A 140 19.20 -0.94 9.00
CA THR A 140 17.98 -1.73 9.07
C THR A 140 17.50 -2.02 7.67
N VAL A 141 17.31 -3.30 7.37
CA VAL A 141 16.85 -3.76 6.05
C VAL A 141 15.52 -4.46 6.22
N LYS A 142 14.61 -4.30 5.27
CA LYS A 142 13.31 -4.96 5.38
C LYS A 142 12.93 -5.78 4.23
N VAL A 143 12.14 -6.83 4.51
CA VAL A 143 11.75 -7.81 3.51
C VAL A 143 10.24 -8.07 3.55
N GLU A 144 9.60 -8.16 2.39
CA GLU A 144 8.16 -8.42 2.36
C GLU A 144 7.73 -9.32 1.19
N PRO A 145 6.63 -10.07 1.37
CA PRO A 145 6.07 -10.94 0.33
C PRO A 145 4.87 -10.30 -0.33
N GLY A 159 2.89 -8.85 5.21
CA GLY A 159 3.64 -9.74 6.09
C GLY A 159 5.12 -9.37 6.12
N ARG A 160 5.40 -8.09 6.32
CA ARG A 160 6.76 -7.56 6.31
C ARG A 160 7.53 -7.88 7.58
N LYS A 161 8.82 -8.20 7.42
CA LYS A 161 9.71 -8.47 8.55
C LYS A 161 10.96 -7.58 8.48
N THR A 162 11.54 -7.28 9.65
CA THR A 162 12.66 -6.35 9.73
C THR A 162 13.92 -6.95 10.37
N ALA A 163 15.09 -6.64 9.79
CA ALA A 163 16.37 -7.08 10.33
C ALA A 163 17.36 -5.91 10.40
N SER A 164 17.78 -5.58 11.62
CA SER A 164 18.76 -4.51 11.81
C SER A 164 20.15 -5.07 11.97
N PHE A 165 21.15 -4.34 11.51
CA PHE A 165 22.52 -4.83 11.55
C PHE A 165 23.53 -3.86 12.16
N THR A 166 24.54 -4.44 12.82
CA THR A 166 25.68 -3.70 13.34
C THR A 166 26.94 -4.54 13.19
N ILE A 167 28.09 -3.98 13.53
CA ILE A 167 29.37 -4.67 13.31
C ILE A 167 29.46 -6.01 14.06
N SER A 168 28.94 -6.05 15.29
CA SER A 168 28.94 -7.27 16.09
C SER A 168 27.72 -8.17 15.86
N SER A 169 26.84 -7.78 14.92
CA SER A 169 25.64 -8.56 14.61
C SER A 169 25.23 -8.30 13.17
N GLU A 170 25.94 -8.93 12.23
CA GLU A 170 25.73 -8.71 10.82
C GLU A 170 24.84 -9.75 10.14
N LYS A 171 24.37 -10.74 10.89
CA LYS A 171 23.56 -11.77 10.26
C LYS A 171 22.29 -12.06 11.04
N THR A 172 21.16 -11.90 10.37
CA THR A 172 19.85 -12.15 10.97
C THR A 172 19.00 -13.02 10.07
N ILE A 173 18.41 -14.06 10.65
CA ILE A 173 17.53 -14.92 9.88
C ILE A 173 16.08 -14.63 10.24
N LEU A 174 15.26 -14.40 9.21
CA LEU A 174 13.87 -14.04 9.42
C LEU A 174 12.92 -15.13 8.95
N THR A 175 11.84 -15.32 9.71
CA THR A 175 10.75 -16.20 9.27
C THR A 175 9.69 -15.33 8.63
N MET A 176 9.47 -15.52 7.33
CA MET A 176 8.57 -14.63 6.61
C MET A 176 7.11 -15.04 6.73
N GLY A 177 6.57 -14.96 7.94
CA GLY A 177 5.19 -15.32 8.19
C GLY A 177 4.98 -16.83 8.02
N GLU A 178 4.76 -17.23 6.76
CA GLU A 178 4.49 -18.60 6.39
C GLU A 178 5.27 -19.06 5.16
N TYR A 179 6.19 -18.23 4.66
CA TYR A 179 6.91 -18.52 3.41
C TYR A 179 8.32 -19.09 3.58
N GLY A 180 8.65 -19.58 4.78
CA GLY A 180 9.97 -20.13 5.02
C GLY A 180 10.92 -19.09 5.61
N ASP A 181 12.20 -19.46 5.71
CA ASP A 181 13.21 -18.60 6.32
C ASP A 181 14.18 -17.99 5.31
N VAL A 182 14.71 -16.82 5.65
CA VAL A 182 15.70 -16.15 4.82
C VAL A 182 16.87 -15.67 5.66
N LEU A 185 22.66 -11.61 5.61
CA LEU A 185 24.00 -11.27 6.04
C LEU A 185 24.42 -9.94 5.45
N CYS A 186 24.41 -8.89 6.25
CA CYS A 186 24.78 -7.59 5.73
C CYS A 186 26.04 -7.07 6.35
N ARG A 187 27.02 -6.81 5.50
CA ARG A 187 28.30 -6.37 5.97
C ARG A 187 28.28 -4.89 6.22
N VAL A 188 28.30 -4.53 7.50
CA VAL A 188 28.25 -3.14 7.93
C VAL A 188 29.47 -2.36 7.52
N ALA A 189 30.61 -3.06 7.42
CA ALA A 189 31.84 -2.48 6.92
C ALA A 189 31.74 -2.06 5.44
N SER A 190 30.77 -2.59 4.69
CA SER A 190 30.56 -2.19 3.30
C SER A 190 29.36 -1.28 3.20
N GLY A 191 29.47 -0.11 3.82
CA GLY A 191 28.38 0.85 3.87
C GLY A 191 28.85 2.27 3.56
N VAL A 192 28.47 3.20 4.44
CA VAL A 192 28.73 4.63 4.21
C VAL A 192 30.06 5.12 4.79
N ASP A 193 30.76 5.93 3.99
CA ASP A 193 32.01 6.59 4.42
C ASP A 193 31.70 7.90 5.15
N LEU A 194 31.81 7.88 6.49
CA LEU A 194 31.53 9.06 7.32
C LEU A 194 32.77 9.61 8.00
N ALA A 195 33.81 9.88 7.22
CA ALA A 195 35.05 10.40 7.78
C ALA A 195 35.07 11.92 7.87
N GLN A 196 34.38 12.60 6.94
CA GLN A 196 34.43 14.06 6.86
C GLN A 196 33.05 14.71 6.98
N THR A 197 32.18 14.13 7.80
CA THR A 197 30.82 14.64 7.94
C THR A 197 30.49 15.04 9.37
N VAL A 198 29.86 16.21 9.50
CA VAL A 198 29.36 16.68 10.79
C VAL A 198 27.87 17.03 10.67
N ILE A 199 27.06 16.57 11.61
CA ILE A 199 25.63 16.85 11.58
C ILE A 199 25.30 18.06 12.43
N LEU A 200 24.80 19.10 11.77
CA LEU A 200 24.60 20.40 12.41
C LEU A 200 23.17 20.59 12.92
N GLU A 201 23.01 20.71 14.23
CA GLU A 201 21.71 20.89 14.88
C GLU A 201 21.58 22.23 15.59
N LEU A 202 20.67 23.09 15.14
CA LEU A 202 20.51 24.36 15.82
C LEU A 202 19.48 24.22 16.92
N ASP A 203 19.38 25.24 17.77
CA ASP A 203 18.39 25.21 18.83
C ASP A 203 17.07 25.31 18.08
N LYS A 204 15.95 25.34 18.79
CA LYS A 204 14.68 25.42 18.09
C LYS A 204 13.84 26.67 18.33
N THR A 205 13.13 27.14 17.30
CA THR A 205 12.26 28.33 17.40
C THR A 205 11.73 28.96 16.10
N VAL A 206 12.58 29.80 15.51
CA VAL A 206 12.32 30.60 14.33
C VAL A 206 11.21 29.98 13.49
N GLU A 207 9.98 30.09 13.98
CA GLU A 207 8.82 29.55 13.28
C GLU A 207 9.06 28.10 12.88
N HIS A 208 9.87 27.91 11.84
CA HIS A 208 10.19 26.56 11.37
C HIS A 208 11.49 26.58 10.57
N LEU A 209 12.28 25.52 10.72
CA LEU A 209 13.55 25.40 10.02
C LEU A 209 14.03 23.95 10.00
N PRO A 210 14.93 23.63 8.99
CA PRO A 210 15.35 22.21 9.00
C PRO A 210 15.92 21.79 10.36
N THR A 211 15.63 20.57 10.77
CA THR A 211 16.12 20.09 12.05
C THR A 211 17.63 19.82 12.08
N ALA A 212 18.22 19.54 10.91
CA ALA A 212 19.65 19.31 10.86
C ALA A 212 20.22 19.36 9.45
N TRP A 213 21.52 19.69 9.36
CA TRP A 213 22.25 19.71 8.09
C TRP A 213 23.46 18.76 8.06
N GLN A 214 23.83 18.33 6.86
CA GLN A 214 25.05 17.54 6.65
C GLN A 214 26.13 18.45 6.10
N VAL A 215 27.12 18.79 6.92
CA VAL A 215 28.17 19.69 6.46
C VAL A 215 29.54 19.03 6.51
N HIS A 216 30.45 19.55 5.70
CA HIS A 216 31.81 19.06 5.66
C HIS A 216 32.52 19.41 6.95
N ARG A 217 33.29 18.48 7.46
CA ARG A 217 34.08 18.68 8.68
C ARG A 217 34.94 19.96 8.69
N ASP A 218 35.62 20.24 7.57
CA ASP A 218 36.49 21.41 7.47
C ASP A 218 35.71 22.70 7.69
N TRP A 219 34.61 22.82 6.95
CA TRP A 219 33.72 23.96 7.00
C TRP A 219 33.21 24.22 8.42
N PHE A 220 32.83 23.14 9.11
CA PHE A 220 32.34 23.23 10.48
C PHE A 220 33.40 23.77 11.44
N ASN A 221 34.60 23.23 11.38
CA ASN A 221 35.67 23.68 12.25
C ASN A 221 36.10 25.12 12.00
N ASP A 222 35.96 25.58 10.75
CA ASP A 222 36.29 26.96 10.41
C ASP A 222 35.18 27.99 10.75
N LEU A 223 34.10 27.57 11.43
CA LEU A 223 33.02 28.52 11.73
C LEU A 223 33.45 29.57 12.74
N ALA A 224 33.37 30.83 12.32
CA ALA A 224 33.78 31.97 13.14
C ALA A 224 32.74 32.35 14.17
N LEU A 225 32.60 31.52 15.18
CA LEU A 225 31.71 31.78 16.30
C LEU A 225 32.38 31.41 17.62
N PRO A 226 31.81 31.81 18.75
CA PRO A 226 32.18 31.42 20.08
C PRO A 226 31.94 29.94 20.16
N TRP A 227 32.82 29.20 20.83
CA TRP A 227 32.59 27.77 20.85
C TRP A 227 33.05 27.06 22.10
N LYS A 228 32.51 25.88 22.33
CA LYS A 228 32.90 25.12 23.50
C LYS A 228 32.54 23.65 23.35
N HIS A 229 32.95 22.85 24.31
CA HIS A 229 32.57 21.44 24.31
C HIS A 229 31.47 21.23 25.35
N GLU A 230 30.70 20.16 25.16
CA GLU A 230 29.54 19.87 26.00
C GLU A 230 29.89 19.83 27.49
N GLY A 231 29.16 20.62 28.27
CA GLY A 231 29.37 20.67 29.72
C GLY A 231 30.25 21.85 30.17
N ALA A 232 30.90 22.53 29.22
CA ALA A 232 31.75 23.66 29.55
C ALA A 232 30.92 24.89 29.91
N GLN A 233 31.50 25.78 30.72
CA GLN A 233 30.81 26.97 31.20
C GLN A 233 31.23 28.24 30.45
N ASN A 234 32.49 28.31 30.06
CA ASN A 234 33.00 29.49 29.36
C ASN A 234 33.20 29.23 27.87
N TRP A 235 32.80 30.21 27.07
CA TRP A 235 32.91 30.12 25.62
C TRP A 235 34.28 30.55 25.13
N ASN A 236 34.84 29.80 24.19
CA ASN A 236 36.16 30.06 23.64
C ASN A 236 36.03 30.96 22.43
N ASN A 237 36.93 31.91 22.31
CA ASN A 237 36.87 32.90 21.23
C ASN A 237 35.56 33.69 21.24
N ALA A 238 35.10 34.07 22.45
CA ALA A 238 33.85 34.82 22.62
C ALA A 238 33.92 36.21 21.99
N GLU A 239 35.15 36.71 21.79
CA GLU A 239 35.39 38.02 21.17
C GLU A 239 34.94 38.07 19.71
N ARG A 240 34.64 36.92 19.11
CA ARG A 240 34.16 36.88 17.74
C ARG A 240 32.79 37.52 17.55
N LEU A 241 32.04 37.72 18.66
CA LEU A 241 30.78 38.46 18.58
C LEU A 241 30.85 39.80 19.31
N VAL A 242 32.08 40.27 19.59
CA VAL A 242 32.27 41.51 20.33
C VAL A 242 33.11 42.52 19.54
N GLU A 243 32.60 43.73 19.47
CA GLU A 243 33.31 44.81 18.82
C GLU A 243 33.57 45.93 19.80
N PHE A 244 34.82 46.25 20.03
CA PHE A 244 35.14 47.33 20.92
C PHE A 244 35.19 48.63 20.16
N GLY A 245 34.59 49.67 20.72
CA GLY A 245 34.59 50.98 20.09
C GLY A 245 35.93 51.65 20.31
N ALA A 246 36.10 52.83 19.74
CA ALA A 246 37.31 53.58 19.95
C ALA A 246 37.34 54.09 21.38
N PRO A 247 38.52 54.22 21.97
CA PRO A 247 38.78 54.76 23.29
C PRO A 247 38.63 56.27 23.24
N HIS A 248 37.91 56.80 24.21
CA HIS A 248 37.66 58.22 24.31
C HIS A 248 37.85 58.67 25.72
N ALA A 249 39.03 59.20 26.03
CA ALA A 249 39.29 59.69 27.38
C ALA A 249 39.19 58.51 28.35
N VAL A 250 38.15 58.51 29.19
CA VAL A 250 37.95 57.46 30.17
C VAL A 250 36.87 56.44 29.75
N LYS A 251 36.46 56.46 28.47
CA LYS A 251 35.44 55.54 28.00
C LYS A 251 35.88 54.67 26.81
N MET A 252 35.19 53.53 26.64
CA MET A 252 35.40 52.63 25.51
C MET A 252 34.27 51.62 25.47
N ASP A 253 33.38 51.79 24.49
CA ASP A 253 32.17 50.97 24.38
C ASP A 253 32.38 49.52 23.96
N VAL A 254 31.49 48.67 24.45
CA VAL A 254 31.45 47.28 24.05
C VAL A 254 30.19 47.00 23.23
N TYR A 255 30.39 46.62 21.97
CA TYR A 255 29.27 46.37 21.08
C TYR A 255 29.08 44.89 20.74
N ASN A 256 27.83 44.52 20.52
CA ASN A 256 27.45 43.17 20.12
C ASN A 256 27.39 43.10 18.60
N LEU A 257 28.01 42.10 18.00
CA LEU A 257 27.96 41.96 16.55
C LEU A 257 26.65 41.37 16.01
N GLY A 258 25.71 41.04 16.89
CA GLY A 258 24.37 40.66 16.49
C GLY A 258 24.14 39.15 16.39
N ASP A 259 22.89 38.81 16.07
CA ASP A 259 22.46 37.42 15.90
C ASP A 259 22.92 36.87 14.55
N GLN A 260 23.72 35.82 14.60
CA GLN A 260 24.37 35.24 13.43
C GLN A 260 23.55 34.16 12.71
N THR A 261 22.32 33.92 13.17
CA THR A 261 21.46 32.92 12.56
C THR A 261 21.32 33.11 11.06
N GLY A 262 20.88 34.30 10.64
CA GLY A 262 20.71 34.59 9.22
C GLY A 262 21.99 34.38 8.43
N VAL A 263 23.12 34.79 9.01
CA VAL A 263 24.43 34.65 8.37
C VAL A 263 24.72 33.19 8.06
N LEU A 264 24.52 32.36 9.09
CA LEU A 264 24.76 30.93 9.02
C LEU A 264 23.87 30.21 8.02
N LEU A 265 22.57 30.51 8.08
CA LEU A 265 21.61 29.87 7.21
C LEU A 265 21.88 30.22 5.75
N LYS A 266 22.33 31.44 5.48
CA LYS A 266 22.76 31.78 4.12
C LYS A 266 23.98 30.95 3.71
N ALA A 267 24.91 30.76 4.64
CA ALA A 267 26.07 29.88 4.37
C ALA A 267 25.63 28.44 4.10
N LEU A 268 24.55 28.00 4.75
CA LEU A 268 23.95 26.67 4.56
C LEU A 268 23.06 26.53 3.30
N ALA A 269 22.96 27.58 2.47
CA ALA A 269 22.18 27.46 1.24
C ALA A 269 22.91 26.55 0.27
N GLY A 270 22.21 25.53 -0.21
CA GLY A 270 22.79 24.54 -1.12
C GLY A 270 23.33 23.31 -0.36
N VAL A 271 23.23 23.34 0.96
CA VAL A 271 23.70 22.23 1.78
C VAL A 271 22.58 21.20 2.02
N PRO A 272 22.90 19.89 1.89
CA PRO A 272 22.06 18.73 2.18
C PRO A 272 21.62 18.68 3.64
N VAL A 273 20.42 18.21 3.87
CA VAL A 273 19.89 18.12 5.24
C VAL A 273 19.94 16.69 5.75
N ALA A 274 19.61 16.52 7.04
CA ALA A 274 19.53 15.18 7.65
C ALA A 274 18.19 15.00 8.36
N HIS A 275 18.12 14.11 9.37
CA HIS A 275 16.87 13.98 10.13
C HIS A 275 17.04 13.45 11.54
N ILE A 276 16.29 14.02 12.48
CA ILE A 276 16.35 13.62 13.88
C ILE A 276 15.02 13.01 14.34
N GLU A 277 15.01 11.71 14.59
CA GLU A 277 13.83 11.04 15.10
C GLU A 277 13.94 10.87 16.60
N GLY A 278 13.58 11.91 17.34
CA GLY A 278 13.68 11.88 18.80
C GLY A 278 15.13 11.88 19.25
N THR A 279 15.72 10.68 19.27
CA THR A 279 17.09 10.45 19.66
C THR A 279 17.94 9.86 18.52
N LYS A 280 17.28 9.44 17.44
CA LYS A 280 17.95 8.76 16.34
C LYS A 280 18.29 9.67 15.17
N TYR A 281 19.58 9.79 14.89
CA TYR A 281 20.05 10.67 13.83
C TYR A 281 20.27 9.90 12.53
N HIS A 282 19.45 10.23 11.54
CA HIS A 282 19.42 9.52 10.27
C HIS A 282 20.21 10.19 9.16
N LEU A 283 20.88 9.37 8.36
CA LEU A 283 21.52 9.85 7.14
C LEU A 283 20.51 9.89 6.02
N LYS A 284 20.71 10.80 5.08
CA LYS A 284 19.87 10.87 3.89
C LYS A 284 20.56 10.21 2.69
N SER A 285 21.68 9.54 2.92
CA SER A 285 22.41 8.88 1.83
C SER A 285 23.20 7.70 2.32
N GLY A 286 23.22 6.63 1.52
CA GLY A 286 24.03 5.47 1.88
C GLY A 286 23.65 4.20 1.15
N HIS A 287 24.33 3.12 1.55
CA HIS A 287 24.16 1.79 0.96
C HIS A 287 24.73 0.71 1.86
N VAL A 288 24.47 -0.56 1.53
CA VAL A 288 25.07 -1.67 2.26
C VAL A 288 25.16 -2.93 1.39
N THR A 289 26.34 -3.57 1.38
CA THR A 289 26.49 -4.81 0.64
C THR A 289 26.12 -6.01 1.53
N CYS A 290 25.25 -6.88 1.01
CA CYS A 290 24.74 -8.02 1.74
C CYS A 290 24.80 -9.33 0.96
N GLU A 291 24.54 -10.43 1.66
CA GLU A 291 24.43 -11.75 1.09
C GLU A 291 23.17 -12.41 1.63
N VAL A 292 22.33 -12.89 0.73
CA VAL A 292 21.06 -13.45 1.14
C VAL A 292 21.01 -14.95 0.93
N GLY A 293 20.73 -15.68 2.00
CA GLY A 293 20.54 -17.13 1.92
C GLY A 293 19.08 -17.39 1.64
N LEU A 294 18.80 -18.07 0.54
CA LEU A 294 17.44 -18.24 0.07
C LEU A 294 16.69 -19.39 0.74
N GLU A 295 17.38 -20.14 1.58
CA GLU A 295 16.77 -21.27 2.23
C GLU A 295 16.32 -20.97 3.65
N TYR A 304 0.48 -23.00 -12.36
CA TYR A 304 -0.87 -23.29 -11.93
C TYR A 304 -1.76 -23.64 -13.14
N THR A 305 -3.07 -23.31 -13.02
CA THR A 305 -4.11 -23.46 -14.04
C THR A 305 -4.68 -22.10 -14.45
N MET A 306 -5.40 -22.07 -15.55
CA MET A 306 -5.85 -20.79 -16.13
C MET A 306 -7.02 -20.15 -15.40
N CYS A 307 -6.96 -18.82 -15.29
CA CYS A 307 -8.04 -18.05 -14.65
C CYS A 307 -9.29 -17.98 -15.54
N ASP A 308 -10.45 -18.05 -14.89
CA ASP A 308 -11.74 -18.00 -15.55
C ASP A 308 -11.92 -16.67 -16.27
N LYS A 309 -12.01 -16.73 -17.58
CA LYS A 309 -12.14 -15.52 -18.37
C LYS A 309 -13.29 -14.64 -18.06
N THR A 310 -14.38 -15.19 -17.60
CA THR A 310 -15.55 -14.40 -17.33
C THR A 310 -15.55 -13.74 -15.99
N LYS A 311 -14.46 -13.83 -15.24
CA LYS A 311 -14.48 -13.25 -13.89
C LYS A 311 -13.50 -12.14 -13.66
N PHE A 312 -13.06 -11.46 -14.71
CA PHE A 312 -12.19 -10.32 -14.48
C PHE A 312 -12.93 -9.01 -14.62
N THR A 313 -12.54 -8.02 -13.84
CA THR A 313 -13.05 -6.66 -13.91
C THR A 313 -11.91 -5.70 -13.69
N TRP A 314 -12.04 -4.47 -14.20
CA TRP A 314 -10.92 -3.54 -14.04
C TRP A 314 -10.99 -2.88 -12.66
N LYS A 315 -9.85 -2.89 -11.97
CA LYS A 315 -9.65 -2.18 -10.71
C LYS A 315 -9.04 -0.83 -11.01
N ARG A 316 -8.04 -0.84 -11.87
CA ARG A 316 -7.45 0.36 -12.41
C ARG A 316 -7.26 0.17 -13.92
N ALA A 317 -8.03 0.91 -14.70
CA ALA A 317 -7.99 0.78 -16.15
C ALA A 317 -6.60 1.12 -16.72
N PRO A 318 -6.12 0.35 -17.71
CA PRO A 318 -4.86 0.53 -18.43
C PRO A 318 -4.56 1.99 -18.66
N THR A 319 -3.43 2.44 -18.13
CA THR A 319 -3.01 3.83 -18.23
C THR A 319 -1.51 3.97 -18.38
N ASP A 320 -1.08 5.14 -18.82
CA ASP A 320 0.33 5.37 -19.07
C ASP A 320 1.07 5.49 -17.75
N SER A 321 2.05 4.60 -17.57
CA SER A 321 2.86 4.48 -16.36
C SER A 321 3.75 5.70 -16.09
N GLY A 322 4.05 6.45 -17.15
CA GLY A 322 4.93 7.59 -17.03
C GLY A 322 6.36 7.27 -17.43
N HIS A 323 6.66 5.98 -17.64
CA HIS A 323 8.00 5.60 -18.08
C HIS A 323 7.93 4.71 -19.30
N ASP A 324 7.07 5.10 -20.24
CA ASP A 324 6.91 4.45 -21.55
C ASP A 324 6.36 3.01 -21.49
N THR A 325 5.49 2.73 -20.53
CA THR A 325 4.80 1.43 -20.46
C THR A 325 3.33 1.65 -20.07
N VAL A 326 2.54 0.57 -20.09
CA VAL A 326 1.12 0.63 -19.76
C VAL A 326 0.83 -0.22 -18.54
N VAL A 327 0.15 0.35 -17.55
CA VAL A 327 -0.16 -0.42 -16.35
C VAL A 327 -1.62 -0.50 -16.06
N MET A 328 -2.02 -1.59 -15.43
CA MET A 328 -3.40 -1.84 -15.08
C MET A 328 -3.52 -2.72 -13.84
N GLU A 329 -4.65 -2.63 -13.17
CA GLU A 329 -4.96 -3.59 -12.12
C GLU A 329 -6.30 -4.24 -12.41
N VAL A 330 -6.40 -5.55 -12.22
CA VAL A 330 -7.68 -6.24 -12.34
C VAL A 330 -8.07 -6.94 -11.06
N THR A 331 -9.37 -7.12 -10.89
CA THR A 331 -9.92 -7.88 -9.79
C THR A 331 -10.53 -9.15 -10.34
N PHE A 332 -10.15 -10.27 -9.77
CA PHE A 332 -10.59 -11.55 -10.29
C PHE A 332 -11.48 -12.28 -9.30
N SER A 333 -12.63 -12.75 -9.80
CA SER A 333 -13.60 -13.41 -8.96
C SER A 333 -13.82 -14.91 -9.28
N GLY A 334 -12.74 -15.62 -9.53
CA GLY A 334 -12.80 -17.08 -9.74
C GLY A 334 -11.94 -17.84 -8.70
N THR A 335 -11.52 -19.06 -9.04
CA THR A 335 -10.73 -19.87 -8.12
C THR A 335 -9.34 -19.33 -7.98
N LYS A 336 -8.86 -19.20 -6.75
CA LYS A 336 -7.51 -18.69 -6.53
C LYS A 336 -6.62 -19.78 -5.91
N PRO A 337 -5.38 -19.87 -6.36
CA PRO A 337 -4.63 -19.07 -7.31
C PRO A 337 -4.80 -19.56 -8.74
N CYS A 338 -4.40 -18.71 -9.68
CA CYS A 338 -4.47 -19.06 -11.09
C CYS A 338 -3.68 -18.11 -11.95
N ARG A 339 -3.45 -18.51 -13.19
CA ARG A 339 -2.64 -17.73 -14.11
C ARG A 339 -3.48 -16.89 -15.06
N ILE A 340 -3.18 -15.61 -15.13
CA ILE A 340 -3.97 -14.66 -15.91
C ILE A 340 -3.69 -14.73 -17.41
N PRO A 341 -4.69 -15.01 -18.23
CA PRO A 341 -4.66 -15.03 -19.67
C PRO A 341 -4.71 -13.60 -20.20
N VAL A 342 -3.58 -12.90 -20.12
CA VAL A 342 -3.51 -11.54 -20.63
C VAL A 342 -2.75 -11.45 -21.96
N ARG A 343 -3.33 -10.72 -22.91
CA ARG A 343 -2.75 -10.54 -24.23
C ARG A 343 -3.29 -9.26 -24.83
N ALA A 344 -2.70 -8.80 -25.92
CA ALA A 344 -3.25 -7.62 -26.59
C ALA A 344 -3.11 -7.78 -28.09
N VAL A 345 -4.03 -7.19 -28.85
CA VAL A 345 -3.90 -7.30 -30.29
C VAL A 345 -3.91 -5.93 -30.93
N ALA A 346 -3.22 -5.80 -32.04
CA ALA A 346 -3.23 -4.52 -32.69
C ALA A 346 -4.34 -4.50 -33.68
N HIS A 347 -4.97 -3.35 -33.85
CA HIS A 347 -5.97 -3.21 -34.89
C HIS A 347 -5.29 -3.51 -36.23
N GLY A 348 -5.82 -4.52 -36.93
CA GLY A 348 -5.22 -4.96 -38.17
C GLY A 348 -5.07 -6.49 -38.22
N SER A 349 -4.67 -7.09 -37.09
CA SER A 349 -4.49 -8.54 -37.01
C SER A 349 -4.75 -9.03 -35.58
N PRO A 350 -5.91 -9.67 -35.34
CA PRO A 350 -6.46 -10.15 -34.06
C PRO A 350 -5.95 -11.55 -33.67
N ASP A 351 -5.02 -12.07 -34.45
CA ASP A 351 -4.48 -13.40 -34.24
C ASP A 351 -3.20 -13.38 -33.41
N VAL A 352 -2.49 -12.25 -33.47
CA VAL A 352 -1.16 -12.14 -32.88
C VAL A 352 -1.05 -11.24 -31.67
N ASN A 353 -0.54 -11.80 -30.57
CA ASN A 353 -0.29 -11.06 -29.33
C ASN A 353 0.86 -10.05 -29.49
N VAL A 354 0.54 -8.77 -29.36
CA VAL A 354 1.56 -7.73 -29.48
C VAL A 354 2.02 -7.17 -28.12
N ALA A 355 1.56 -7.81 -27.04
CA ALA A 355 1.92 -7.36 -25.71
C ALA A 355 3.27 -7.88 -25.31
N MET A 356 4.16 -6.96 -25.03
CA MET A 356 5.45 -7.29 -24.47
C MET A 356 5.27 -7.21 -22.96
N LEU A 357 5.00 -8.35 -22.32
CA LEU A 357 4.77 -8.33 -20.89
C LEU A 357 6.03 -8.05 -20.10
N ILE A 358 5.95 -7.05 -19.25
CA ILE A 358 7.02 -6.68 -18.33
C ILE A 358 6.79 -7.43 -17.01
N THR A 359 5.53 -7.44 -16.57
CA THR A 359 5.12 -8.31 -15.49
C THR A 359 5.14 -9.75 -15.99
N PRO A 360 6.20 -10.51 -15.70
CA PRO A 360 6.34 -11.88 -16.14
C PRO A 360 5.28 -12.75 -15.52
N ASN A 361 4.80 -13.72 -16.28
CA ASN A 361 3.80 -14.69 -15.85
C ASN A 361 2.74 -14.19 -14.86
N PRO A 362 2.04 -13.07 -15.17
CA PRO A 362 0.94 -12.47 -14.40
C PRO A 362 0.04 -13.55 -13.82
N THR A 363 -0.09 -13.51 -12.48
CA THR A 363 -0.79 -14.51 -11.70
C THR A 363 -1.65 -13.90 -10.60
N ILE A 364 -2.85 -14.46 -10.41
CA ILE A 364 -3.71 -14.10 -9.28
C ILE A 364 -3.41 -15.02 -8.12
N GLU A 365 -3.06 -14.45 -6.98
CA GLU A 365 -2.77 -15.23 -5.80
C GLU A 365 -3.89 -15.09 -4.79
N ASN A 366 -3.77 -15.77 -3.66
CA ASN A 366 -4.82 -15.71 -2.66
C ASN A 366 -4.86 -14.36 -1.97
N ASN A 367 -3.68 -13.79 -1.75
CA ASN A 367 -3.61 -12.48 -1.13
C ASN A 367 -2.67 -11.60 -1.93
N GLY A 368 -3.18 -11.09 -3.05
CA GLY A 368 -2.40 -10.24 -3.95
C GLY A 368 -2.44 -10.78 -5.37
N GLY A 369 -1.88 -10.03 -6.30
CA GLY A 369 -1.91 -10.37 -7.71
C GLY A 369 -2.96 -9.53 -8.41
N GLY A 370 -2.77 -9.31 -9.70
CA GLY A 370 -3.74 -8.53 -10.47
C GLY A 370 -3.10 -7.31 -11.14
N PHE A 371 -1.90 -6.94 -10.73
CA PHE A 371 -1.22 -5.82 -11.37
C PHE A 371 -0.46 -6.32 -12.59
N ILE A 372 -0.69 -5.65 -13.73
CA ILE A 372 -0.01 -5.97 -14.97
C ILE A 372 0.63 -4.76 -15.61
N GLU A 373 1.90 -4.89 -15.99
CA GLU A 373 2.61 -3.88 -16.75
C GLU A 373 3.03 -4.46 -18.09
N MET A 374 2.78 -3.75 -19.17
CA MET A 374 3.14 -4.23 -20.49
C MET A 374 3.56 -3.11 -21.39
N GLN A 375 4.16 -3.46 -22.51
CA GLN A 375 4.54 -2.45 -23.47
C GLN A 375 3.93 -2.80 -24.82
N LEU A 376 3.26 -1.84 -25.41
CA LEU A 376 2.54 -2.08 -26.66
C LEU A 376 3.15 -1.29 -27.80
N PRO A 377 2.94 -1.73 -29.04
CA PRO A 377 3.38 -1.10 -30.26
C PRO A 377 2.52 0.12 -30.51
N PRO A 378 3.10 1.16 -31.10
CA PRO A 378 2.46 2.38 -31.50
C PRO A 378 1.23 2.03 -32.31
N GLY A 379 0.13 2.68 -31.98
CA GLY A 379 -1.10 2.45 -32.71
C GLY A 379 -2.25 2.09 -31.80
N ASP A 380 -3.39 1.84 -32.42
CA ASP A 380 -4.61 1.55 -31.70
C ASP A 380 -4.67 0.03 -31.43
N ASN A 381 -4.50 -0.34 -30.16
CA ASN A 381 -4.49 -1.73 -29.73
C ASN A 381 -5.69 -2.04 -28.82
N ILE A 382 -5.94 -3.33 -28.60
CA ILE A 382 -6.91 -3.73 -27.58
C ILE A 382 -6.25 -4.64 -26.58
N ILE A 383 -6.35 -4.28 -25.32
CA ILE A 383 -5.84 -5.09 -24.24
C ILE A 383 -6.89 -6.08 -23.76
N TYR A 384 -6.49 -7.33 -23.60
CA TYR A 384 -7.39 -8.36 -23.11
C TYR A 384 -6.90 -9.06 -21.85
N VAL A 385 -7.78 -9.21 -20.89
CA VAL A 385 -7.51 -9.96 -19.67
C VAL A 385 -8.67 -10.93 -19.52
N GLY A 386 -8.47 -12.15 -19.99
CA GLY A 386 -9.60 -13.05 -20.13
C GLY A 386 -10.46 -12.44 -21.21
N GLU A 387 -11.73 -12.25 -20.95
CA GLU A 387 -12.62 -11.62 -21.90
C GLU A 387 -12.75 -10.15 -21.60
N LEU A 388 -12.19 -9.71 -20.49
CA LEU A 388 -12.26 -8.31 -20.14
C LEU A 388 -11.42 -7.53 -21.14
N SER A 389 -11.93 -6.42 -21.65
CA SER A 389 -11.12 -5.71 -22.63
C SER A 389 -11.08 -4.22 -22.41
N HIS A 390 -10.09 -3.60 -23.03
CA HIS A 390 -9.99 -2.15 -23.03
C HIS A 390 -9.10 -1.69 -24.17
N GLN A 391 -9.53 -0.67 -24.90
CA GLN A 391 -8.69 -0.15 -25.99
C GLN A 391 -7.56 0.69 -25.44
N TRP A 392 -6.45 0.70 -26.16
CA TRP A 392 -5.28 1.47 -25.77
C TRP A 392 -4.56 2.00 -26.98
N PHE A 393 -4.44 3.33 -27.05
CA PHE A 393 -3.71 3.95 -28.13
C PHE A 393 -2.30 4.29 -27.69
N GLN A 394 -1.33 3.68 -28.37
CA GLN A 394 0.04 3.91 -28.03
C GLN A 394 0.64 4.96 -28.92
N LYS A 395 1.26 5.96 -28.29
CA LYS A 395 1.93 7.03 -29.00
C LYS A 395 3.24 6.54 -29.58
N GLY A 396 3.66 7.14 -30.69
CA GLY A 396 4.90 6.77 -31.35
C GLY A 396 6.13 7.23 -30.56
N SER A 397 7.30 6.70 -30.95
CA SER A 397 8.55 7.04 -30.27
C SER A 397 8.92 8.51 -30.44
N GLN B 1 -25.71 -39.79 -13.19
CA GLN B 1 -26.41 -38.52 -13.14
C GLN B 1 -26.00 -37.70 -11.92
N VAL B 2 -25.89 -36.39 -12.12
CA VAL B 2 -25.54 -35.45 -11.08
C VAL B 2 -26.66 -35.25 -10.10
N GLN B 3 -26.35 -35.38 -8.81
CA GLN B 3 -27.34 -35.15 -7.77
C GLN B 3 -26.80 -34.33 -6.59
N LEU B 4 -27.52 -33.28 -6.22
CA LEU B 4 -27.18 -32.51 -5.03
C LEU B 4 -28.23 -32.75 -3.95
N GLN B 5 -27.80 -33.40 -2.88
CA GLN B 5 -28.66 -33.83 -1.79
C GLN B 5 -28.56 -32.91 -0.61
N GLN B 6 -29.63 -32.18 -0.32
CA GLN B 6 -29.55 -31.29 0.81
C GLN B 6 -30.10 -31.90 2.07
N SER B 7 -29.71 -31.32 3.19
CA SER B 7 -30.17 -31.75 4.51
C SER B 7 -31.62 -31.38 4.79
N GLY B 8 -32.12 -31.86 5.91
CA GLY B 8 -33.51 -31.67 6.31
C GLY B 8 -33.72 -30.29 6.91
N PRO B 9 -35.01 -29.93 7.08
CA PRO B 9 -35.53 -28.64 7.51
C PRO B 9 -35.16 -28.33 8.95
N GLU B 10 -35.04 -27.04 9.25
CA GLU B 10 -34.70 -26.63 10.60
C GLU B 10 -35.74 -25.68 11.16
N LEU B 11 -36.13 -25.94 12.41
CA LEU B 11 -37.01 -25.08 13.15
C LEU B 11 -36.26 -24.60 14.37
N VAL B 12 -35.92 -23.31 14.37
CA VAL B 12 -35.10 -22.75 15.44
C VAL B 12 -35.61 -21.44 15.96
N LYS B 13 -35.15 -21.07 17.14
CA LYS B 13 -35.52 -19.81 17.72
C LYS B 13 -34.59 -18.69 17.27
N PRO B 14 -35.04 -17.45 17.35
CA PRO B 14 -34.32 -16.25 17.06
C PRO B 14 -33.02 -16.26 17.80
N GLY B 15 -31.96 -15.86 17.10
CA GLY B 15 -30.64 -15.76 17.69
C GLY B 15 -29.87 -17.06 17.60
N ALA B 16 -30.56 -18.15 17.27
CA ALA B 16 -29.90 -19.42 17.13
C ALA B 16 -29.17 -19.51 15.79
N SER B 17 -28.38 -20.56 15.64
CA SER B 17 -27.64 -20.80 14.41
C SER B 17 -27.99 -22.14 13.80
N VAL B 18 -27.96 -22.21 12.46
CA VAL B 18 -28.18 -23.48 11.75
C VAL B 18 -27.03 -23.79 10.82
N LYS B 19 -26.75 -25.08 10.63
CA LYS B 19 -25.75 -25.51 9.64
C LYS B 19 -26.36 -26.55 8.77
N MET B 20 -26.38 -26.27 7.47
CA MET B 20 -27.02 -27.16 6.53
C MET B 20 -26.02 -27.71 5.56
N SER B 21 -26.34 -28.88 5.02
CA SER B 21 -25.39 -29.53 4.15
C SER B 21 -25.91 -29.68 2.74
N CYS B 22 -24.97 -29.96 1.85
CA CYS B 22 -25.20 -30.24 0.45
C CYS B 22 -24.23 -31.33 0.02
N LYS B 23 -24.74 -32.51 -0.33
CA LYS B 23 -23.84 -33.61 -0.71
C LYS B 23 -23.81 -33.87 -2.22
N ALA B 24 -22.61 -33.91 -2.78
CA ALA B 24 -22.40 -34.09 -4.20
C ALA B 24 -22.28 -35.53 -4.60
N SER B 25 -23.17 -35.97 -5.47
CA SER B 25 -23.14 -37.31 -5.99
C SER B 25 -23.06 -37.34 -7.53
N GLY B 26 -22.19 -38.19 -8.06
CA GLY B 26 -22.15 -38.44 -9.50
C GLY B 26 -21.25 -37.51 -10.33
N TYR B 27 -20.38 -36.74 -9.67
CA TYR B 27 -19.44 -35.94 -10.43
C TYR B 27 -18.22 -35.63 -9.61
N THR B 28 -17.15 -35.24 -10.27
CA THR B 28 -15.93 -34.93 -9.56
C THR B 28 -16.05 -33.62 -8.79
N PHE B 29 -16.40 -33.76 -7.51
CA PHE B 29 -16.73 -32.67 -6.58
C PHE B 29 -15.90 -31.40 -6.69
N THR B 30 -14.58 -31.53 -6.78
CA THR B 30 -13.67 -30.39 -6.78
C THR B 30 -13.64 -29.58 -8.10
N ASP B 31 -14.23 -30.12 -9.17
CA ASP B 31 -14.24 -29.42 -10.45
C ASP B 31 -15.44 -28.49 -10.61
N TYR B 32 -16.32 -28.45 -9.61
CA TYR B 32 -17.48 -27.60 -9.73
C TYR B 32 -17.77 -26.77 -8.48
N VAL B 33 -18.17 -25.54 -8.72
CA VAL B 33 -18.53 -24.53 -7.76
C VAL B 33 -19.83 -24.88 -7.08
N ILE B 34 -19.92 -24.66 -5.77
CA ILE B 34 -21.20 -24.81 -5.10
C ILE B 34 -21.71 -23.42 -4.77
N GLY B 35 -22.91 -23.12 -5.21
CA GLY B 35 -23.47 -21.80 -4.98
C GLY B 35 -24.72 -21.93 -4.14
N TRP B 36 -24.94 -20.94 -3.29
CA TRP B 36 -26.10 -20.96 -2.44
C TRP B 36 -27.04 -19.82 -2.78
N VAL B 37 -28.32 -20.15 -2.81
CA VAL B 37 -29.38 -19.23 -3.19
C VAL B 37 -30.52 -19.23 -2.18
N LYS B 38 -30.98 -18.05 -1.84
CA LYS B 38 -32.07 -17.89 -0.89
C LYS B 38 -33.36 -17.72 -1.63
N GLN B 39 -34.44 -18.23 -1.05
CA GLN B 39 -35.74 -17.92 -1.58
C GLN B 39 -36.76 -17.84 -0.50
N ARG B 40 -37.29 -16.65 -0.26
CA ARG B 40 -38.36 -16.52 0.72
C ARG B 40 -39.63 -17.03 0.13
N THR B 41 -40.61 -17.24 0.99
CA THR B 41 -41.86 -17.85 0.57
C THR B 41 -42.59 -16.98 -0.44
N GLY B 42 -42.70 -17.51 -1.67
CA GLY B 42 -43.39 -16.85 -2.78
C GLY B 42 -42.59 -15.68 -3.38
N GLN B 43 -41.31 -15.60 -3.06
CA GLN B 43 -40.45 -14.50 -3.52
C GLN B 43 -39.40 -14.95 -4.54
N GLY B 44 -38.57 -14.00 -4.96
CA GLY B 44 -37.58 -14.27 -6.00
C GLY B 44 -36.37 -15.05 -5.50
N LEU B 45 -35.38 -15.17 -6.36
CA LEU B 45 -34.17 -15.86 -5.99
C LEU B 45 -33.14 -14.83 -5.66
N GLU B 46 -32.34 -15.12 -4.64
CA GLU B 46 -31.30 -14.20 -4.23
C GLU B 46 -29.98 -14.93 -4.05
N TRP B 47 -28.95 -14.47 -4.73
CA TRP B 47 -27.66 -15.15 -4.59
C TRP B 47 -27.00 -14.79 -3.25
N ILE B 48 -26.61 -15.83 -2.53
CA ILE B 48 -25.96 -15.64 -1.24
C ILE B 48 -24.48 -15.63 -1.37
N GLY B 49 -23.98 -16.67 -2.00
CA GLY B 49 -22.55 -16.82 -2.07
C GLY B 49 -22.21 -18.15 -2.70
N GLU B 50 -20.93 -18.46 -2.72
CA GLU B 50 -20.46 -19.66 -3.38
C GLU B 50 -19.06 -20.00 -2.99
N ILE B 51 -18.72 -21.25 -3.19
CA ILE B 51 -17.42 -21.74 -2.80
C ILE B 51 -16.83 -22.60 -3.88
N TYR B 52 -15.55 -22.42 -4.13
CA TYR B 52 -14.83 -23.23 -5.07
C TYR B 52 -14.12 -24.32 -4.25
N PRO B 53 -14.80 -25.45 -4.00
CA PRO B 53 -14.38 -26.57 -3.16
C PRO B 53 -13.03 -27.21 -3.52
N GLY B 54 -12.54 -26.98 -4.72
CA GLY B 54 -11.23 -27.49 -5.10
C GLY B 54 -10.09 -26.66 -4.47
N SER B 55 -10.39 -25.40 -4.14
CA SER B 55 -9.39 -24.47 -3.61
C SER B 55 -9.86 -23.78 -2.33
N GLY B 56 -11.11 -23.98 -1.96
CA GLY B 56 -11.66 -23.34 -0.75
C GLY B 56 -11.93 -21.85 -0.95
N THR B 57 -11.92 -21.38 -2.20
CA THR B 57 -12.07 -19.95 -2.47
C THR B 57 -13.54 -19.55 -2.32
N THR B 58 -13.82 -18.49 -1.56
CA THR B 58 -15.21 -18.10 -1.36
C THR B 58 -15.53 -16.70 -1.86
N TYR B 59 -16.79 -16.54 -2.25
CA TYR B 59 -17.37 -15.25 -2.57
C TYR B 59 -18.73 -15.10 -1.89
N TYR B 60 -18.98 -13.93 -1.35
CA TYR B 60 -20.21 -13.69 -0.64
C TYR B 60 -20.86 -12.40 -1.07
N ASN B 61 -22.16 -12.45 -1.21
CA ASN B 61 -22.96 -11.26 -1.42
C ASN B 61 -22.80 -10.36 -0.20
N GLU B 62 -22.64 -9.06 -0.42
CA GLU B 62 -22.50 -8.14 0.71
C GLU B 62 -23.65 -8.25 1.70
N LYS B 63 -24.84 -8.53 1.18
CA LYS B 63 -26.02 -8.69 2.02
C LYS B 63 -25.88 -9.81 3.05
N PHE B 64 -25.14 -10.85 2.72
CA PHE B 64 -25.04 -11.99 3.61
C PHE B 64 -23.65 -12.18 4.14
N LYS B 65 -22.79 -11.16 4.06
CA LYS B 65 -21.39 -11.41 4.42
C LYS B 65 -21.21 -11.74 5.88
N ASP B 66 -22.11 -11.25 6.74
CA ASP B 66 -22.05 -11.52 8.16
C ASP B 66 -23.08 -12.57 8.59
N LYS B 67 -24.01 -12.90 7.70
CA LYS B 67 -25.03 -13.92 7.96
C LYS B 67 -24.55 -15.35 7.69
N ALA B 68 -23.97 -15.55 6.50
CA ALA B 68 -23.60 -16.87 6.08
C ALA B 68 -22.12 -17.11 6.06
N THR B 69 -21.72 -18.33 6.42
CA THR B 69 -20.34 -18.77 6.24
C THR B 69 -20.28 -20.09 5.46
N LEU B 70 -19.49 -20.10 4.38
CA LEU B 70 -19.43 -21.26 3.52
C LEU B 70 -18.14 -22.06 3.67
N THR B 71 -18.32 -23.38 3.82
CA THR B 71 -17.21 -24.31 3.93
C THR B 71 -17.43 -25.52 3.01
N ALA B 72 -16.41 -26.35 2.86
CA ALA B 72 -16.57 -27.56 2.05
C ALA B 72 -15.53 -28.61 2.38
N ASP B 73 -16.00 -29.85 2.51
CA ASP B 73 -15.18 -30.99 2.86
C ASP B 73 -14.97 -31.92 1.66
N LYS B 74 -13.77 -31.85 1.08
CA LYS B 74 -13.40 -32.60 -0.11
C LYS B 74 -13.56 -34.11 0.00
N SER B 75 -13.37 -34.65 1.22
CA SER B 75 -13.31 -36.10 1.40
C SER B 75 -14.65 -36.76 1.37
N SER B 76 -15.66 -36.03 1.81
CA SER B 76 -17.03 -36.51 1.83
C SER B 76 -17.85 -35.94 0.69
N ASN B 77 -17.27 -34.96 -0.03
CA ASN B 77 -17.91 -34.30 -1.16
C ASN B 77 -19.11 -33.51 -0.69
N THR B 78 -18.94 -32.82 0.43
CA THR B 78 -20.07 -32.12 1.02
C THR B 78 -19.75 -30.67 1.29
N ALA B 79 -20.67 -29.79 0.94
CA ALA B 79 -20.51 -28.37 1.18
C ALA B 79 -21.46 -27.96 2.29
N TYR B 80 -21.11 -26.91 2.99
CA TYR B 80 -21.93 -26.51 4.11
C TYR B 80 -22.19 -25.03 4.15
N MET B 81 -23.42 -24.68 4.53
CA MET B 81 -23.72 -23.29 4.80
C MET B 81 -24.18 -23.13 6.21
N GLN B 82 -23.54 -22.20 6.94
CA GLN B 82 -23.94 -21.97 8.33
C GLN B 82 -24.47 -20.55 8.50
N LEU B 83 -25.69 -20.45 9.05
CA LEU B 83 -26.37 -19.16 9.19
C LEU B 83 -26.43 -18.75 10.65
N SER B 84 -25.88 -17.57 10.95
CA SER B 84 -25.72 -17.13 12.34
C SER B 84 -26.73 -16.07 12.77
N SER B 85 -27.06 -16.09 14.07
CA SER B 85 -27.97 -15.12 14.69
C SER B 85 -29.24 -14.91 13.85
N LEU B 86 -30.09 -15.92 13.81
CA LEU B 86 -31.24 -15.86 12.92
C LEU B 86 -32.39 -14.96 13.37
N THR B 87 -33.06 -14.39 12.38
CA THR B 87 -34.26 -13.59 12.63
C THR B 87 -35.38 -14.10 11.75
N SER B 88 -36.54 -13.50 11.85
CA SER B 88 -37.65 -13.90 10.99
C SER B 88 -37.32 -13.69 9.52
N GLU B 89 -36.43 -12.73 9.25
CA GLU B 89 -35.99 -12.38 7.89
C GLU B 89 -35.19 -13.49 7.23
N ASP B 90 -34.78 -14.49 8.01
CA ASP B 90 -34.01 -15.60 7.52
C ASP B 90 -34.85 -16.82 7.27
N SER B 91 -36.15 -16.71 7.54
CA SER B 91 -37.02 -17.83 7.29
C SER B 91 -37.18 -17.93 5.79
N ALA B 92 -36.78 -19.07 5.22
CA ALA B 92 -36.72 -19.22 3.77
C ALA B 92 -36.22 -20.61 3.35
N VAL B 93 -36.33 -20.88 2.05
CA VAL B 93 -35.79 -22.09 1.47
C VAL B 93 -34.41 -21.78 0.91
N TYR B 94 -33.44 -22.58 1.27
CA TYR B 94 -32.09 -22.34 0.83
C TYR B 94 -31.66 -23.41 -0.17
N PHE B 95 -31.12 -22.99 -1.30
CA PHE B 95 -30.70 -23.93 -2.33
C PHE B 95 -29.21 -24.00 -2.49
N CYS B 96 -28.70 -25.20 -2.74
CA CYS B 96 -27.32 -25.30 -3.19
C CYS B 96 -27.37 -25.67 -4.67
N ALA B 97 -26.38 -25.22 -5.43
CA ALA B 97 -26.43 -25.43 -6.87
C ALA B 97 -25.01 -25.52 -7.45
N ARG B 98 -24.88 -26.22 -8.58
CA ARG B 98 -23.58 -26.54 -9.15
C ARG B 98 -23.17 -25.57 -10.26
N GLY B 99 -21.88 -25.22 -10.31
CA GLY B 99 -21.35 -24.37 -11.38
C GLY B 99 -19.98 -24.85 -11.88
N GLU B 100 -19.68 -24.63 -13.17
CA GLU B 100 -18.43 -25.12 -13.74
C GLU B 100 -17.25 -24.26 -13.33
N ASP B 101 -16.28 -24.86 -12.61
CA ASP B 101 -15.08 -24.12 -12.19
C ASP B 101 -14.22 -23.82 -13.39
N GLY B 102 -14.13 -22.54 -13.78
CA GLY B 102 -13.33 -22.13 -14.93
C GLY B 102 -14.18 -21.53 -16.03
N TYR B 103 -15.46 -21.78 -15.99
CA TYR B 103 -16.40 -21.24 -16.92
C TYR B 103 -17.65 -21.25 -16.12
N TYR B 104 -17.68 -20.38 -15.15
CA TYR B 104 -18.84 -20.29 -14.25
C TYR B 104 -19.92 -19.38 -14.81
N ILE B 105 -20.71 -19.92 -15.74
CA ILE B 105 -21.75 -19.18 -16.44
C ILE B 105 -23.19 -19.63 -16.23
N ALA B 106 -23.43 -20.44 -15.23
CA ALA B 106 -24.78 -20.90 -14.92
C ALA B 106 -24.76 -21.86 -13.76
N LEU B 107 -25.92 -22.00 -13.12
CA LEU B 107 -26.08 -23.04 -12.11
C LEU B 107 -26.89 -24.17 -12.74
N ASP B 108 -26.18 -25.17 -13.30
CA ASP B 108 -26.81 -26.23 -14.10
C ASP B 108 -27.45 -27.40 -13.35
N TYR B 109 -27.19 -27.50 -12.03
CA TYR B 109 -27.89 -28.50 -11.17
C TYR B 109 -28.22 -27.90 -9.82
N TRP B 110 -29.45 -28.11 -9.36
CA TRP B 110 -29.94 -27.55 -8.08
C TRP B 110 -30.37 -28.66 -7.13
N GLY B 111 -30.09 -28.45 -5.85
CA GLY B 111 -30.53 -29.38 -4.82
C GLY B 111 -32.01 -29.17 -4.55
N GLN B 112 -32.61 -30.01 -3.69
CA GLN B 112 -34.05 -29.96 -3.47
C GLN B 112 -34.49 -28.83 -2.53
N GLY B 113 -33.55 -28.34 -1.71
CA GLY B 113 -33.84 -27.20 -0.82
C GLY B 113 -33.94 -27.56 0.67
N THR B 114 -33.37 -26.71 1.50
CA THR B 114 -33.43 -26.86 2.94
C THR B 114 -34.27 -25.70 3.48
N THR B 115 -35.41 -26.01 4.07
CA THR B 115 -36.25 -24.94 4.59
C THR B 115 -35.92 -24.61 6.03
N VAL B 116 -35.67 -23.35 6.28
CA VAL B 116 -35.39 -22.86 7.62
C VAL B 116 -36.55 -22.00 8.09
N THR B 117 -37.11 -22.39 9.22
CA THR B 117 -38.15 -21.62 9.87
C THR B 117 -37.66 -21.07 11.19
N VAL B 118 -37.67 -19.75 11.32
CA VAL B 118 -37.32 -19.13 12.58
C VAL B 118 -38.62 -18.78 13.28
N SER B 119 -38.72 -19.13 14.57
CA SER B 119 -39.98 -19.00 15.27
C SER B 119 -39.91 -18.71 16.74
N SER B 120 -40.92 -17.99 17.21
CA SER B 120 -41.15 -17.69 18.65
C SER B 120 -40.72 -18.82 19.60
N ASP C 1 -22.97 -2.55 -9.33
CA ASP C 1 -23.74 -3.80 -9.38
C ASP C 1 -24.61 -3.90 -10.65
N ILE C 2 -25.06 -5.12 -10.95
CA ILE C 2 -25.96 -5.36 -12.07
C ILE C 2 -27.38 -5.61 -11.60
N GLU C 3 -28.32 -4.93 -12.24
CA GLU C 3 -29.73 -5.18 -12.01
C GLU C 3 -30.35 -5.82 -13.24
N LEU C 4 -31.13 -6.87 -13.02
CA LEU C 4 -31.80 -7.54 -14.12
C LEU C 4 -33.30 -7.34 -13.98
N THR C 5 -33.90 -6.61 -14.92
CA THR C 5 -35.34 -6.34 -14.89
C THR C 5 -36.12 -7.24 -15.83
N GLN C 6 -36.99 -8.07 -15.28
CA GLN C 6 -37.77 -8.96 -16.12
C GLN C 6 -39.13 -8.39 -16.46
N SER C 7 -39.53 -8.59 -17.70
CA SER C 7 -40.79 -8.04 -18.20
C SER C 7 -41.43 -9.00 -19.21
N PRO C 8 -42.73 -9.28 -19.06
CA PRO C 8 -43.69 -8.80 -18.09
C PRO C 8 -43.43 -9.39 -16.74
N ALA C 9 -44.15 -8.86 -15.75
CA ALA C 9 -44.13 -9.40 -14.40
C ALA C 9 -44.82 -10.74 -14.42
N SER C 10 -45.97 -10.78 -15.05
CA SER C 10 -46.73 -12.01 -15.19
C SER C 10 -47.52 -12.06 -16.49
N LEU C 11 -47.87 -13.26 -16.91
CA LEU C 11 -48.72 -13.38 -18.08
C LEU C 11 -49.47 -14.72 -18.09
N SER C 12 -50.67 -14.69 -18.66
CA SER C 12 -51.56 -15.84 -18.75
C SER C 12 -51.79 -16.19 -20.19
N ALA C 13 -51.55 -17.45 -20.54
CA ALA C 13 -51.67 -17.91 -21.93
C ALA C 13 -52.03 -19.36 -21.97
N SER C 14 -52.44 -19.85 -23.12
CA SER C 14 -52.95 -21.21 -23.18
C SER C 14 -52.06 -22.15 -23.99
N VAL C 15 -52.31 -23.45 -23.81
CA VAL C 15 -51.50 -24.50 -24.41
C VAL C 15 -51.55 -24.47 -25.91
N GLY C 16 -50.39 -24.57 -26.50
CA GLY C 16 -50.23 -24.56 -27.94
C GLY C 16 -49.81 -23.19 -28.47
N GLU C 17 -49.87 -22.16 -27.63
CA GLU C 17 -49.55 -20.83 -28.10
C GLU C 17 -48.11 -20.45 -27.85
N THR C 18 -47.77 -19.22 -28.21
CA THR C 18 -46.42 -18.73 -28.03
C THR C 18 -46.36 -17.46 -27.21
N VAL C 19 -45.39 -17.44 -26.29
CA VAL C 19 -45.14 -16.29 -25.43
C VAL C 19 -43.69 -15.89 -25.46
N THR C 20 -43.43 -14.61 -25.17
CA THR C 20 -42.06 -14.10 -25.09
C THR C 20 -41.87 -13.22 -23.90
N ILE C 21 -40.85 -13.54 -23.11
CA ILE C 21 -40.53 -12.77 -21.94
C ILE C 21 -39.14 -12.20 -22.12
N THR C 22 -38.83 -11.10 -21.43
CA THR C 22 -37.56 -10.41 -21.63
C THR C 22 -36.81 -10.17 -20.31
N CYS C 23 -35.50 -9.90 -20.45
CA CYS C 23 -34.62 -9.57 -19.33
C CYS C 23 -33.67 -8.43 -19.72
N ARG C 24 -33.78 -7.32 -19.02
CA ARG C 24 -32.98 -6.15 -19.32
C ARG C 24 -31.88 -5.95 -18.29
N ALA C 25 -30.66 -5.94 -18.77
CA ALA C 25 -29.53 -5.76 -17.87
C ALA C 25 -29.19 -4.30 -17.78
N SER C 26 -28.94 -3.83 -16.55
CA SER C 26 -28.55 -2.45 -16.29
C SER C 26 -27.21 -2.06 -16.91
N GLY C 27 -26.38 -3.06 -17.19
CA GLY C 27 -25.07 -2.88 -17.81
C GLY C 27 -24.76 -4.06 -18.72
N ASN C 28 -23.70 -3.94 -19.52
CA ASN C 28 -23.40 -4.97 -20.52
C ASN C 28 -22.91 -6.24 -19.86
N ILE C 29 -23.57 -7.35 -20.15
CA ILE C 29 -23.19 -8.59 -19.54
C ILE C 29 -22.72 -9.60 -20.55
N HIS C 30 -22.12 -9.14 -21.61
CA HIS C 30 -21.59 -10.00 -22.65
C HIS C 30 -22.19 -11.38 -22.87
N ASN C 31 -23.50 -11.46 -22.86
CA ASN C 31 -24.18 -12.70 -23.13
C ASN C 31 -23.98 -13.80 -22.15
N TYR C 32 -23.61 -13.49 -20.91
CA TYR C 32 -23.44 -14.54 -19.93
C TYR C 32 -24.64 -14.48 -19.05
N LEU C 33 -25.79 -14.79 -19.61
CA LEU C 33 -27.02 -14.73 -18.85
C LEU C 33 -27.78 -15.99 -19.04
N ALA C 34 -28.20 -16.61 -17.95
CA ALA C 34 -28.91 -17.87 -18.02
C ALA C 34 -30.31 -17.71 -17.61
N TRP C 35 -31.16 -18.62 -18.06
CA TRP C 35 -32.57 -18.62 -17.78
C TRP C 35 -32.93 -19.89 -16.99
N TYR C 36 -33.75 -19.73 -15.95
CA TYR C 36 -34.18 -20.87 -15.13
C TYR C 36 -35.69 -20.91 -14.93
N GLN C 37 -36.27 -22.11 -15.02
CA GLN C 37 -37.70 -22.31 -14.83
C GLN C 37 -37.96 -22.94 -13.48
N GLN C 38 -38.91 -22.39 -12.73
CA GLN C 38 -39.20 -22.92 -11.42
C GLN C 38 -40.68 -23.18 -11.24
N LYS C 39 -41.01 -24.39 -10.82
CA LYS C 39 -42.40 -24.72 -10.57
C LYS C 39 -42.73 -24.55 -9.09
N GLN C 40 -44.01 -24.45 -8.78
CA GLN C 40 -44.42 -24.13 -7.41
C GLN C 40 -43.86 -25.11 -6.40
N GLY C 41 -43.03 -24.58 -5.49
CA GLY C 41 -42.47 -25.35 -4.38
C GLY C 41 -41.35 -26.30 -4.81
N LYS C 42 -40.89 -26.17 -6.05
CA LYS C 42 -39.86 -27.05 -6.56
C LYS C 42 -38.55 -26.29 -6.76
N SER C 43 -37.52 -27.01 -7.19
CA SER C 43 -36.20 -26.44 -7.38
C SER C 43 -36.04 -25.95 -8.81
N PRO C 44 -35.38 -24.79 -9.03
CA PRO C 44 -35.11 -24.14 -10.31
C PRO C 44 -34.40 -25.09 -11.26
N GLN C 45 -34.80 -25.03 -12.55
CA GLN C 45 -34.18 -25.83 -13.60
C GLN C 45 -33.47 -24.93 -14.60
N LEU C 46 -32.27 -25.31 -15.03
CA LEU C 46 -31.58 -24.51 -16.05
C LEU C 46 -32.14 -24.77 -17.43
N LEU C 47 -32.56 -23.71 -18.10
CA LEU C 47 -33.05 -23.85 -19.47
C LEU C 47 -32.08 -23.36 -20.51
N VAL C 48 -31.54 -22.18 -20.26
CA VAL C 48 -30.68 -21.54 -21.22
C VAL C 48 -29.44 -21.03 -20.52
N TYR C 49 -28.31 -21.12 -21.19
CA TYR C 49 -27.14 -20.50 -20.64
C TYR C 49 -26.39 -19.77 -21.73
N LYS C 50 -25.56 -18.84 -21.37
CA LYS C 50 -24.91 -17.99 -22.34
C LYS C 50 -25.90 -17.38 -23.30
N ALA C 51 -26.92 -16.75 -22.76
CA ALA C 51 -27.97 -16.03 -23.50
C ALA C 51 -28.85 -16.85 -24.43
N GLN C 52 -28.26 -17.78 -25.20
CA GLN C 52 -29.01 -18.51 -26.21
C GLN C 52 -28.68 -19.98 -26.40
N THR C 53 -27.98 -20.61 -25.47
CA THR C 53 -27.69 -22.03 -25.65
C THR C 53 -28.57 -22.89 -24.75
N LEU C 54 -29.31 -23.84 -25.35
CA LEU C 54 -30.15 -24.68 -24.49
C LEU C 54 -29.33 -25.67 -23.69
N ALA C 55 -29.77 -25.87 -22.44
CA ALA C 55 -29.17 -26.83 -21.53
C ALA C 55 -29.62 -28.22 -21.89
N ASP C 56 -28.86 -29.21 -21.46
CA ASP C 56 -29.17 -30.61 -21.81
C ASP C 56 -30.56 -30.97 -21.29
N GLY C 57 -31.36 -31.56 -22.17
CA GLY C 57 -32.71 -32.00 -21.81
C GLY C 57 -33.79 -30.97 -22.14
N VAL C 58 -33.39 -29.76 -22.54
CA VAL C 58 -34.36 -28.70 -22.80
C VAL C 58 -34.89 -28.76 -24.25
N PRO C 59 -36.22 -28.70 -24.43
CA PRO C 59 -36.95 -28.74 -25.69
C PRO C 59 -36.60 -27.61 -26.64
N SER C 60 -36.57 -27.95 -27.92
CA SER C 60 -36.26 -27.03 -28.99
C SER C 60 -37.18 -25.82 -29.03
N ARG C 61 -38.42 -25.99 -28.56
CA ARG C 61 -39.40 -24.91 -28.53
C ARG C 61 -39.00 -23.72 -27.65
N PHE C 62 -37.96 -23.87 -26.83
CA PHE C 62 -37.42 -22.77 -26.04
C PHE C 62 -36.32 -22.05 -26.81
N SER C 63 -36.53 -20.78 -27.08
CA SER C 63 -35.58 -20.01 -27.84
C SER C 63 -34.86 -18.97 -26.98
N GLY C 64 -33.58 -19.18 -26.75
CA GLY C 64 -32.85 -18.17 -26.01
C GLY C 64 -32.34 -17.13 -27.00
N SER C 65 -32.47 -15.85 -26.66
CA SER C 65 -31.94 -14.82 -27.56
C SER C 65 -31.52 -13.50 -26.86
N GLY C 66 -31.13 -12.54 -27.72
CA GLY C 66 -30.74 -11.19 -27.32
C GLY C 66 -29.23 -10.99 -27.22
N SER C 67 -28.83 -9.76 -26.86
CA SER C 67 -27.42 -9.44 -26.68
C SER C 67 -27.18 -8.10 -25.96
N GLY C 68 -25.97 -7.95 -25.44
CA GLY C 68 -25.54 -6.71 -24.78
C GLY C 68 -26.24 -6.49 -23.45
N THR C 69 -27.42 -5.85 -23.53
CA THR C 69 -28.21 -5.53 -22.34
C THR C 69 -29.65 -5.94 -22.47
N GLN C 70 -30.06 -6.42 -23.64
CA GLN C 70 -31.46 -6.77 -23.78
C GLN C 70 -31.59 -8.21 -24.27
N TYR C 71 -32.09 -9.06 -23.38
CA TYR C 71 -32.18 -10.49 -23.63
C TYR C 71 -33.63 -10.96 -23.66
N SER C 72 -33.87 -12.10 -24.25
CA SER C 72 -35.23 -12.59 -24.28
C SER C 72 -35.33 -14.11 -24.38
N LEU C 73 -36.48 -14.62 -23.96
CA LEU C 73 -36.77 -16.02 -24.02
C LEU C 73 -38.16 -16.20 -24.63
N LYS C 74 -38.22 -17.01 -25.67
CA LYS C 74 -39.47 -17.25 -26.41
C LYS C 74 -39.86 -18.70 -26.37
N ILE C 75 -41.10 -18.98 -26.05
CA ILE C 75 -41.54 -20.36 -25.97
C ILE C 75 -42.59 -20.63 -27.02
N ASN C 76 -42.29 -21.54 -27.94
CA ASN C 76 -43.25 -21.94 -28.96
C ASN C 76 -44.09 -23.10 -28.48
N SER C 77 -45.34 -23.17 -28.95
CA SER C 77 -46.22 -24.29 -28.62
C SER C 77 -46.18 -24.68 -27.13
N LEU C 78 -46.62 -23.76 -26.28
CA LEU C 78 -46.63 -23.97 -24.85
C LEU C 78 -47.24 -25.29 -24.45
N GLN C 79 -46.54 -26.03 -23.60
CA GLN C 79 -47.07 -27.25 -23.03
C GLN C 79 -47.37 -27.01 -21.55
N PRO C 80 -48.10 -27.91 -20.91
CA PRO C 80 -48.49 -27.81 -19.50
C PRO C 80 -47.29 -27.74 -18.58
N GLU C 81 -46.22 -28.44 -18.94
CA GLU C 81 -45.05 -28.40 -18.10
C GLU C 81 -44.25 -27.08 -18.23
N ASP C 82 -44.67 -26.18 -19.12
CA ASP C 82 -43.97 -24.92 -19.28
C ASP C 82 -44.46 -23.89 -18.28
N PHE C 83 -45.56 -24.17 -17.59
CA PHE C 83 -46.08 -23.14 -16.71
C PHE C 83 -45.29 -23.11 -15.42
N GLY C 84 -44.99 -21.91 -14.93
CA GLY C 84 -44.14 -21.73 -13.74
C GLY C 84 -43.57 -20.32 -13.62
N SER C 85 -42.42 -20.20 -12.95
CA SER C 85 -41.76 -18.91 -12.80
C SER C 85 -40.42 -18.92 -13.52
N TYR C 86 -40.15 -17.84 -14.24
CA TYR C 86 -38.95 -17.78 -15.04
C TYR C 86 -37.98 -16.78 -14.51
N TYR C 87 -36.74 -17.19 -14.33
CA TYR C 87 -35.74 -16.31 -13.75
C TYR C 87 -34.53 -16.14 -14.64
N CYS C 88 -34.06 -14.91 -14.79
CA CYS C 88 -32.80 -14.69 -15.47
C CYS C 88 -31.71 -14.41 -14.44
N GLN C 89 -30.46 -14.66 -14.77
CA GLN C 89 -29.32 -14.41 -13.89
C GLN C 89 -28.11 -14.12 -14.71
N HIS C 90 -27.06 -13.55 -14.14
CA HIS C 90 -25.87 -13.24 -14.93
C HIS C 90 -24.49 -13.46 -14.33
N PHE C 91 -23.62 -14.20 -14.97
CA PHE C 91 -22.29 -14.41 -14.44
C PHE C 91 -21.14 -13.64 -15.05
N TRP C 92 -21.31 -12.35 -15.25
CA TRP C 92 -20.27 -11.55 -15.87
C TRP C 92 -19.43 -10.64 -15.03
N SER C 93 -18.16 -10.82 -15.20
CA SER C 93 -17.08 -9.99 -14.65
C SER C 93 -16.90 -9.95 -13.15
N THR C 94 -17.95 -9.67 -12.41
CA THR C 94 -17.80 -9.57 -10.97
C THR C 94 -19.15 -9.68 -10.30
N PRO C 95 -19.22 -10.38 -9.16
CA PRO C 95 -20.39 -10.63 -8.37
C PRO C 95 -20.85 -9.34 -7.71
N PRO C 96 -22.10 -9.32 -7.27
CA PRO C 96 -23.07 -10.41 -7.16
C PRO C 96 -23.66 -10.89 -8.47
N TRP C 97 -23.89 -12.21 -8.55
CA TRP C 97 -24.54 -12.84 -9.69
C TRP C 97 -26.03 -12.67 -9.51
N THR C 98 -26.50 -11.45 -9.72
CA THR C 98 -27.89 -11.14 -9.44
C THR C 98 -28.86 -11.84 -10.36
N PHE C 99 -30.06 -12.02 -9.84
CA PHE C 99 -31.16 -12.57 -10.59
C PHE C 99 -32.13 -11.46 -10.95
N GLY C 100 -33.08 -11.78 -11.81
CA GLY C 100 -34.17 -10.89 -12.06
C GLY C 100 -35.24 -11.16 -11.02
N GLY C 101 -36.35 -10.43 -11.12
CA GLY C 101 -37.45 -10.62 -10.19
C GLY C 101 -38.31 -11.81 -10.60
N GLY C 102 -38.16 -12.21 -11.83
CA GLY C 102 -38.88 -13.33 -12.33
C GLY C 102 -40.18 -12.94 -13.05
N THR C 103 -40.56 -13.75 -14.03
CA THR C 103 -41.82 -13.59 -14.74
C THR C 103 -42.69 -14.78 -14.41
N LYS C 104 -43.94 -14.53 -14.05
CA LYS C 104 -44.80 -15.64 -13.67
C LYS C 104 -45.74 -15.99 -14.82
N LEU C 105 -45.56 -17.19 -15.37
CA LEU C 105 -46.30 -17.73 -16.51
C LEU C 105 -47.34 -18.76 -16.06
N GLU C 106 -48.62 -18.49 -16.33
CA GLU C 106 -49.67 -19.41 -15.94
C GLU C 106 -50.63 -19.68 -17.09
N ILE C 107 -51.52 -20.68 -16.93
CA ILE C 107 -52.56 -21.01 -17.91
C ILE C 107 -53.70 -19.97 -17.90
N LYS C 108 -54.70 -20.20 -18.76
CA LYS C 108 -55.84 -19.30 -18.86
C LYS C 108 -57.08 -19.81 -18.06
#